data_4Z9X
#
_entry.id   4Z9X
#
_cell.length_a   67.621
_cell.length_b   67.621
_cell.length_c   108.907
_cell.angle_alpha   90.00
_cell.angle_beta   90.00
_cell.angle_gamma   90.00
#
_symmetry.space_group_name_H-M   'P 42 21 2'
#
loop_
_entity.id
_entity.type
_entity.pdbx_description
1 polymer 'Gluconate 5-dehydrogenase'
2 water water
#
_entity_poly.entity_id   1
_entity_poly.type   'polypeptide(L)'
_entity_poly.pdbx_seq_one_letter_code
;MENMFSLQGKIALITGASYGIGFEIAKAYAQAGATIVFNDIKQELVDKGLAAYRELGIEAHGYVCDVTDEAGIQQMVSQI
EDEVGAIDILVNNAGIIRRTPMLEMAAEDFRQVIDIDLNAPFIVSKAVLPSMIAKGHGKIINICSMMSELGRETVSAYAA
AKGGLKMLTKNIASEFGEANIQCNGIGPGYIATPQTAPLRERQADGSRHPFDQFIIAKTPAARWGTTEDLAGPAVFLASD
ASNFVNGHILYVDGGILAYIGKQP
;
_entity_poly.pdbx_strand_id   A
#
# COMPACT_ATOMS: atom_id res chain seq x y z
N ASN A 3 -1.92 -7.32 22.43
CA ASN A 3 -3.00 -6.43 22.97
C ASN A 3 -3.35 -5.29 22.00
N MET A 4 -2.82 -4.08 22.19
CA MET A 4 -3.21 -2.95 21.33
C MET A 4 -2.75 -3.10 19.88
N PHE A 5 -1.72 -3.91 19.65
CA PHE A 5 -1.20 -4.16 18.30
C PHE A 5 -1.88 -5.32 17.60
N SER A 6 -2.81 -5.98 18.28
CA SER A 6 -3.48 -7.16 17.71
C SER A 6 -4.52 -6.76 16.67
N LEU A 7 -4.61 -7.54 15.60
CA LEU A 7 -5.65 -7.35 14.58
C LEU A 7 -6.70 -8.47 14.64
N GLN A 8 -6.71 -9.23 15.74
CA GLN A 8 -7.68 -10.31 15.93
C GLN A 8 -9.10 -9.77 15.74
N GLY A 9 -9.89 -10.47 14.93
CA GLY A 9 -11.28 -10.13 14.71
C GLY A 9 -11.52 -9.10 13.63
N LYS A 10 -10.43 -8.50 13.13
CA LYS A 10 -10.55 -7.43 12.15
C LYS A 10 -10.42 -7.97 10.74
N ILE A 11 -11.17 -7.36 9.82
CA ILE A 11 -11.15 -7.72 8.43
C ILE A 11 -10.37 -6.66 7.66
N ALA A 12 -9.39 -7.10 6.89
CA ALA A 12 -8.54 -6.20 6.11
C ALA A 12 -8.63 -6.50 4.62
N LEU A 13 -8.97 -5.47 3.84
CA LEU A 13 -8.88 -5.51 2.37
C LEU A 13 -7.56 -4.87 1.97
N ILE A 14 -6.71 -5.64 1.31
CA ILE A 14 -5.46 -5.14 0.75
C ILE A 14 -5.55 -5.27 -0.76
N THR A 15 -5.65 -4.13 -1.45
CA THR A 15 -5.86 -4.18 -2.90
C THR A 15 -4.61 -4.67 -3.61
N GLY A 16 -4.80 -5.48 -4.65
CA GLY A 16 -3.69 -6.01 -5.42
C GLY A 16 -2.78 -7.01 -4.71
N ALA A 17 -3.21 -7.57 -3.59
CA ALA A 17 -2.35 -8.43 -2.77
C ALA A 17 -2.29 -9.90 -3.20
N SER A 18 -2.27 -10.16 -4.51
CA SER A 18 -2.09 -11.52 -5.00
C SER A 18 -0.61 -11.91 -4.97
N TYR A 19 0.27 -10.92 -4.91
CA TYR A 19 1.72 -11.13 -4.81
C TYR A 19 2.39 -9.83 -4.35
N GLY A 20 3.72 -9.87 -4.20
CA GLY A 20 4.49 -8.66 -3.92
C GLY A 20 4.34 -8.08 -2.53
N ILE A 21 4.58 -6.77 -2.41
CA ILE A 21 4.55 -6.09 -1.12
C ILE A 21 3.18 -6.27 -0.43
N GLY A 22 2.10 -6.21 -1.21
CA GLY A 22 0.75 -6.34 -0.65
C GLY A 22 0.51 -7.70 -0.01
N PHE A 23 1.01 -8.73 -0.67
CA PHE A 23 0.91 -10.10 -0.20
C PHE A 23 1.73 -10.26 1.09
N GLU A 24 2.88 -9.61 1.15
CA GLU A 24 3.68 -9.65 2.37
C GLU A 24 3.00 -8.90 3.53
N ILE A 25 2.34 -7.79 3.24
CA ILE A 25 1.60 -7.05 4.26
C ILE A 25 0.46 -7.92 4.77
N ALA A 26 -0.22 -8.60 3.84
CA ALA A 26 -1.31 -9.51 4.20
C ALA A 26 -0.83 -10.63 5.13
N LYS A 27 0.34 -11.20 4.85
CA LYS A 27 0.95 -12.22 5.71
C LYS A 27 1.10 -11.69 7.12
N ALA A 28 1.67 -10.51 7.24
CA ALA A 28 1.86 -9.89 8.55
C ALA A 28 0.53 -9.66 9.24
N TYR A 29 -0.47 -9.20 8.49
CA TYR A 29 -1.79 -8.95 9.04
C TYR A 29 -2.43 -10.25 9.52
N ALA A 30 -2.26 -11.32 8.75
CA ALA A 30 -2.77 -12.64 9.12
C ALA A 30 -2.12 -13.11 10.42
N GLN A 31 -0.80 -12.95 10.50
CA GLN A 31 -0.07 -13.32 11.71
C GLN A 31 -0.51 -12.51 12.92
N ALA A 32 -0.94 -11.27 12.69
CA ALA A 32 -1.50 -10.42 13.74
C ALA A 32 -2.97 -10.71 14.08
N GLY A 33 -3.58 -11.66 13.40
CA GLY A 33 -4.94 -12.09 13.70
C GLY A 33 -6.02 -11.64 12.71
N ALA A 34 -5.63 -10.88 11.69
CA ALA A 34 -6.61 -10.33 10.76
C ALA A 34 -7.12 -11.39 9.79
N THR A 35 -8.37 -11.20 9.35
CA THR A 35 -8.94 -11.92 8.22
C THR A 35 -8.57 -11.16 6.95
N ILE A 36 -8.04 -11.89 5.96
CA ILE A 36 -7.46 -11.28 4.78
C ILE A 36 -8.43 -11.32 3.60
N VAL A 37 -8.65 -10.15 3.00
CA VAL A 37 -9.41 -10.03 1.77
C VAL A 37 -8.54 -9.28 0.77
N PHE A 38 -8.57 -9.70 -0.48
CA PHE A 38 -7.81 -9.00 -1.53
C PHE A 38 -8.51 -9.08 -2.87
N ASN A 39 -8.07 -8.24 -3.80
CA ASN A 39 -8.52 -8.31 -5.18
C ASN A 39 -7.37 -8.22 -6.16
N ASP A 40 -7.63 -8.66 -7.38
CA ASP A 40 -6.77 -8.34 -8.49
C ASP A 40 -7.61 -8.33 -9.77
N ILE A 41 -7.02 -7.89 -10.86
CA ILE A 41 -7.77 -7.55 -12.05
C ILE A 41 -8.14 -8.76 -12.90
N LYS A 42 -7.47 -9.89 -12.69
CA LYS A 42 -7.85 -11.13 -13.39
C LYS A 42 -7.89 -12.35 -12.49
N GLN A 43 -8.79 -13.27 -12.84
CA GLN A 43 -9.04 -14.47 -12.05
C GLN A 43 -7.78 -15.29 -11.84
N GLU A 44 -6.94 -15.40 -12.86
CA GLU A 44 -5.69 -16.15 -12.78
C GLU A 44 -4.81 -15.69 -11.61
N LEU A 45 -4.71 -14.37 -11.41
CA LEU A 45 -3.93 -13.84 -10.31
C LEU A 45 -4.60 -14.10 -8.96
N VAL A 46 -5.92 -13.92 -8.91
CA VAL A 46 -6.67 -14.17 -7.68
C VAL A 46 -6.52 -15.64 -7.27
N ASP A 47 -6.74 -16.55 -8.23
CA ASP A 47 -6.59 -17.98 -7.97
C ASP A 47 -5.21 -18.36 -7.45
N LYS A 48 -4.15 -17.88 -8.13
CA LYS A 48 -2.79 -18.18 -7.69
C LYS A 48 -2.48 -17.59 -6.32
N GLY A 49 -2.99 -16.39 -6.08
CA GLY A 49 -2.83 -15.72 -4.79
C GLY A 49 -3.45 -16.54 -3.68
N LEU A 50 -4.68 -16.98 -3.89
CA LEU A 50 -5.38 -17.79 -2.90
C LEU A 50 -4.62 -19.08 -2.59
N ALA A 51 -4.08 -19.71 -3.63
CA ALA A 51 -3.27 -20.92 -3.46
C ALA A 51 -2.04 -20.64 -2.59
N ALA A 52 -1.36 -19.53 -2.89
CA ALA A 52 -0.20 -19.11 -2.11
C ALA A 52 -0.55 -18.83 -0.65
N TYR A 53 -1.70 -18.19 -0.40
CA TYR A 53 -2.17 -17.98 0.97
C TYR A 53 -2.45 -19.32 1.67
N ARG A 54 -3.10 -20.24 0.96
CA ARG A 54 -3.40 -21.57 1.52
C ARG A 54 -2.14 -22.32 1.90
N GLU A 55 -1.11 -22.22 1.07
CA GLU A 55 0.19 -22.86 1.31
C GLU A 55 0.83 -22.39 2.62
N LEU A 56 0.49 -21.17 3.05
CA LEU A 56 0.97 -20.60 4.31
C LEU A 56 -0.01 -20.77 5.48
N GLY A 57 -1.12 -21.47 5.24
CA GLY A 57 -2.11 -21.67 6.28
C GLY A 57 -3.02 -20.49 6.49
N ILE A 58 -3.06 -19.57 5.52
CA ILE A 58 -3.92 -18.40 5.58
C ILE A 58 -5.18 -18.62 4.74
N GLU A 59 -6.34 -18.47 5.38
CA GLU A 59 -7.62 -18.56 4.69
C GLU A 59 -8.05 -17.17 4.24
N ALA A 60 -7.63 -16.82 3.03
CA ALA A 60 -7.91 -15.50 2.46
C ALA A 60 -9.17 -15.56 1.61
N HIS A 61 -9.65 -14.39 1.23
CA HIS A 61 -10.81 -14.25 0.39
C HIS A 61 -10.46 -13.32 -0.76
N GLY A 62 -10.49 -13.86 -1.98
CA GLY A 62 -10.03 -13.16 -3.17
C GLY A 62 -11.16 -12.84 -4.12
N TYR A 63 -11.11 -11.63 -4.69
CA TYR A 63 -12.14 -11.16 -5.62
C TYR A 63 -11.51 -10.55 -6.86
N VAL A 64 -12.16 -10.73 -8.00
CA VAL A 64 -11.69 -10.14 -9.24
C VAL A 64 -12.34 -8.77 -9.41
N CYS A 65 -11.54 -7.72 -9.35
CA CYS A 65 -12.04 -6.37 -9.59
C CYS A 65 -10.90 -5.42 -9.96
N ASP A 66 -11.17 -4.55 -10.92
CA ASP A 66 -10.30 -3.45 -11.32
C ASP A 66 -10.53 -2.34 -10.29
N VAL A 67 -9.47 -1.87 -9.65
CA VAL A 67 -9.65 -0.78 -8.66
C VAL A 67 -10.12 0.55 -9.28
N THR A 68 -9.96 0.70 -10.60
CA THR A 68 -10.42 1.91 -11.30
C THR A 68 -11.90 1.85 -11.69
N ASP A 69 -12.53 0.69 -11.44
CA ASP A 69 -13.93 0.46 -11.81
C ASP A 69 -14.82 0.66 -10.59
N GLU A 70 -15.41 1.85 -10.46
CA GLU A 70 -16.17 2.17 -9.26
C GLU A 70 -17.37 1.27 -9.04
N ALA A 71 -18.16 1.05 -10.08
CA ALA A 71 -19.32 0.18 -9.97
C ALA A 71 -18.89 -1.20 -9.50
N GLY A 72 -17.82 -1.73 -10.11
CA GLY A 72 -17.27 -3.03 -9.73
C GLY A 72 -16.80 -3.10 -8.27
N ILE A 73 -16.08 -2.06 -7.84
CA ILE A 73 -15.58 -2.03 -6.47
C ILE A 73 -16.72 -1.96 -5.46
N GLN A 74 -17.75 -1.17 -5.77
CA GLN A 74 -18.93 -1.08 -4.91
C GLN A 74 -19.58 -2.47 -4.76
N GLN A 75 -19.70 -3.19 -5.88
CA GLN A 75 -20.25 -4.55 -5.85
C GLN A 75 -19.36 -5.50 -5.06
N MET A 76 -18.05 -5.38 -5.24
CA MET A 76 -17.10 -6.21 -4.50
C MET A 76 -17.22 -6.01 -3.00
N VAL A 77 -17.26 -4.76 -2.56
CA VAL A 77 -17.37 -4.45 -1.14
C VAL A 77 -18.66 -5.04 -0.55
N SER A 78 -19.77 -4.88 -1.28
CA SER A 78 -21.04 -5.46 -0.86
C SER A 78 -20.92 -6.98 -0.68
N GLN A 79 -20.25 -7.64 -1.62
CA GLN A 79 -20.06 -9.08 -1.57
C GLN A 79 -19.19 -9.47 -0.38
N ILE A 80 -18.13 -8.70 -0.13
CA ILE A 80 -17.26 -8.96 1.01
C ILE A 80 -18.05 -8.86 2.31
N GLU A 81 -18.96 -7.88 2.39
CA GLU A 81 -19.80 -7.72 3.57
C GLU A 81 -20.70 -8.93 3.78
N ASP A 82 -21.18 -9.50 2.70
CA ASP A 82 -22.04 -10.69 2.74
C ASP A 82 -21.26 -11.91 3.22
N GLU A 83 -20.04 -12.07 2.72
CA GLU A 83 -19.30 -13.35 2.80
C GLU A 83 -18.28 -13.41 3.91
N VAL A 84 -17.80 -12.25 4.34
CA VAL A 84 -16.75 -12.17 5.33
C VAL A 84 -17.17 -11.27 6.47
N GLY A 85 -17.57 -10.05 6.14
CA GLY A 85 -18.03 -9.07 7.14
C GLY A 85 -17.60 -7.67 6.71
N ALA A 86 -17.96 -6.67 7.50
CA ALA A 86 -17.62 -5.29 7.17
C ALA A 86 -16.12 -5.09 7.30
N ILE A 87 -15.55 -4.36 6.36
CA ILE A 87 -14.09 -4.14 6.30
C ILE A 87 -13.68 -3.12 7.35
N ASP A 88 -12.73 -3.53 8.19
CA ASP A 88 -12.21 -2.67 9.25
C ASP A 88 -11.02 -1.87 8.78
N ILE A 89 -10.24 -2.45 7.88
CA ILE A 89 -8.96 -1.90 7.42
C ILE A 89 -8.87 -2.00 5.91
N LEU A 90 -8.59 -0.89 5.25
CA LEU A 90 -8.28 -0.87 3.83
C LEU A 90 -6.82 -0.48 3.64
N VAL A 91 -6.08 -1.28 2.89
CA VAL A 91 -4.76 -0.90 2.44
C VAL A 91 -4.84 -0.72 0.93
N ASN A 92 -4.69 0.53 0.47
CA ASN A 92 -4.59 0.81 -0.96
C ASN A 92 -3.16 0.55 -1.40
N ASN A 93 -2.96 -0.64 -1.97
CA ASN A 93 -1.66 -1.13 -2.35
C ASN A 93 -1.49 -1.29 -3.86
N ALA A 94 -2.57 -1.65 -4.56
CA ALA A 94 -2.54 -1.86 -6.01
C ALA A 94 -1.98 -0.64 -6.71
N GLY A 95 -1.04 -0.86 -7.61
CA GLY A 95 -0.44 0.24 -8.33
C GLY A 95 0.40 -0.17 -9.50
N ILE A 96 0.76 0.80 -10.33
CA ILE A 96 1.76 0.59 -11.35
C ILE A 96 2.82 1.67 -11.28
N ILE A 97 3.97 1.36 -11.87
CA ILE A 97 5.01 2.34 -12.09
C ILE A 97 5.33 2.29 -13.57
N ARG A 98 5.54 3.46 -14.16
CA ARG A 98 6.13 3.56 -15.47
C ARG A 98 7.37 4.41 -15.29
N ARG A 99 8.41 4.07 -16.03
CA ARG A 99 9.61 4.87 -16.07
C ARG A 99 9.79 5.33 -17.51
N THR A 100 9.39 6.57 -17.75
CA THR A 100 9.44 7.15 -19.09
C THR A 100 9.88 8.60 -18.98
N PRO A 101 10.89 9.00 -19.77
CA PRO A 101 11.25 10.41 -19.81
C PRO A 101 10.00 11.22 -20.13
N MET A 102 9.80 12.32 -19.40
CA MET A 102 8.52 13.01 -19.48
C MET A 102 8.15 13.46 -20.88
N LEU A 103 9.14 13.91 -21.65
CA LEU A 103 8.91 14.40 -23.01
C LEU A 103 8.49 13.28 -23.97
N GLU A 104 8.77 12.03 -23.58
CA GLU A 104 8.44 10.86 -24.40
C GLU A 104 7.17 10.15 -23.92
N MET A 105 6.58 10.62 -22.83
CA MET A 105 5.44 9.93 -22.24
C MET A 105 4.12 10.40 -22.83
N ALA A 106 3.39 9.47 -23.44
CA ALA A 106 2.07 9.73 -23.95
C ALA A 106 1.13 10.15 -22.83
N ALA A 107 0.29 11.14 -23.10
CA ALA A 107 -0.70 11.58 -22.12
C ALA A 107 -1.59 10.43 -21.62
N GLU A 108 -1.91 9.48 -22.50
CA GLU A 108 -2.72 8.32 -22.09
C GLU A 108 -2.03 7.49 -20.99
N ASP A 109 -0.71 7.38 -21.08
CA ASP A 109 0.09 6.61 -20.14
C ASP A 109 0.28 7.36 -18.83
N PHE A 110 0.54 8.66 -18.90
CA PHE A 110 0.54 9.52 -17.70
C PHE A 110 -0.81 9.36 -16.98
N ARG A 111 -1.91 9.52 -17.72
CA ARG A 111 -3.24 9.42 -17.15
C ARG A 111 -3.52 8.06 -16.50
N GLN A 112 -3.04 6.98 -17.12
CA GLN A 112 -3.24 5.63 -16.58
C GLN A 112 -2.58 5.47 -15.21
N VAL A 113 -1.36 5.97 -15.08
CA VAL A 113 -0.62 5.92 -13.80
C VAL A 113 -1.39 6.68 -12.73
N ILE A 114 -1.87 7.87 -13.08
CA ILE A 114 -2.66 8.68 -12.17
C ILE A 114 -3.96 7.96 -11.79
N ASP A 115 -4.61 7.36 -12.78
CA ASP A 115 -5.90 6.75 -12.52
C ASP A 115 -5.79 5.56 -11.55
N ILE A 116 -4.78 4.71 -11.76
CA ILE A 116 -4.59 3.54 -10.90
C ILE A 116 -4.01 3.93 -9.54
N ASP A 117 -3.04 4.84 -9.54
CA ASP A 117 -2.29 5.14 -8.32
C ASP A 117 -2.89 6.25 -7.43
N LEU A 118 -3.78 7.07 -8.00
CA LEU A 118 -4.39 8.18 -7.26
C LEU A 118 -5.92 8.15 -7.25
N ASN A 119 -6.54 8.05 -8.42
CA ASN A 119 -8.01 8.05 -8.47
C ASN A 119 -8.59 6.79 -7.85
N ALA A 120 -7.95 5.65 -8.10
CA ALA A 120 -8.47 4.38 -7.58
C ALA A 120 -8.47 4.32 -6.05
N PRO A 121 -7.38 4.77 -5.38
CA PRO A 121 -7.50 4.82 -3.93
C PRO A 121 -8.67 5.66 -3.40
N PHE A 122 -9.04 6.73 -4.12
CA PHE A 122 -10.25 7.49 -3.78
C PHE A 122 -11.49 6.61 -3.94
N ILE A 123 -11.59 5.93 -5.09
CA ILE A 123 -12.73 5.06 -5.37
C ILE A 123 -12.92 4.00 -4.28
N VAL A 124 -11.83 3.31 -3.92
CA VAL A 124 -11.91 2.21 -2.96
C VAL A 124 -12.16 2.75 -1.54
N SER A 125 -11.50 3.85 -1.19
CA SER A 125 -11.75 4.52 0.09
C SER A 125 -13.23 4.90 0.22
N LYS A 126 -13.77 5.54 -0.82
CA LYS A 126 -15.18 5.93 -0.85
C LYS A 126 -16.08 4.72 -0.63
N ALA A 127 -15.72 3.59 -1.23
CA ALA A 127 -16.55 2.38 -1.17
C ALA A 127 -16.59 1.76 0.23
N VAL A 128 -15.48 1.78 0.95
CA VAL A 128 -15.41 1.16 2.28
C VAL A 128 -15.85 2.08 3.42
N LEU A 129 -15.86 3.38 3.19
CA LEU A 129 -16.09 4.32 4.28
C LEU A 129 -17.48 4.25 4.94
N PRO A 130 -18.56 4.12 4.14
CA PRO A 130 -19.87 4.09 4.80
C PRO A 130 -20.01 3.03 5.91
N SER A 131 -19.52 1.82 5.65
CA SER A 131 -19.58 0.75 6.65
C SER A 131 -18.62 0.96 7.81
N MET A 132 -17.45 1.57 7.55
CA MET A 132 -16.53 1.89 8.63
C MET A 132 -17.15 2.91 9.58
N ILE A 133 -17.76 3.93 9.00
CA ILE A 133 -18.41 4.99 9.76
C ILE A 133 -19.56 4.40 10.56
N ALA A 134 -20.37 3.57 9.92
CA ALA A 134 -21.54 2.99 10.58
C ALA A 134 -21.16 2.10 11.76
N LYS A 135 -20.07 1.33 11.61
CA LYS A 135 -19.60 0.40 12.64
C LYS A 135 -18.76 1.07 13.74
N GLY A 136 -18.29 2.29 13.47
CA GLY A 136 -17.71 3.14 14.50
C GLY A 136 -16.19 3.20 14.54
N HIS A 137 -15.53 2.55 13.60
CA HIS A 137 -14.06 2.63 13.50
C HIS A 137 -13.60 2.11 12.15
N GLY A 138 -12.62 2.79 11.56
CA GLY A 138 -12.01 2.32 10.34
C GLY A 138 -10.57 2.83 10.20
N LYS A 139 -9.78 2.07 9.45
CA LYS A 139 -8.41 2.43 9.08
C LYS A 139 -8.29 2.40 7.57
N ILE A 140 -7.69 3.44 6.99
CA ILE A 140 -7.31 3.42 5.58
C ILE A 140 -5.83 3.74 5.49
N ILE A 141 -5.07 2.81 4.93
CA ILE A 141 -3.62 2.94 4.82
C ILE A 141 -3.27 2.99 3.34
N ASN A 142 -2.69 4.11 2.93
CA ASN A 142 -2.30 4.30 1.56
C ASN A 142 -0.81 4.05 1.40
N ILE A 143 -0.43 3.15 0.51
CA ILE A 143 0.96 2.91 0.23
C ILE A 143 1.50 4.05 -0.64
N CYS A 144 2.32 4.89 -0.02
CA CYS A 144 2.94 6.04 -0.65
C CYS A 144 4.33 5.61 -1.14
N SER A 145 5.29 6.53 -1.16
CA SER A 145 6.57 6.31 -1.80
C SER A 145 7.52 7.41 -1.36
N MET A 146 8.82 7.17 -1.50
CA MET A 146 9.79 8.28 -1.47
C MET A 146 9.38 9.37 -2.45
N MET A 147 8.76 8.95 -3.55
CA MET A 147 8.27 9.87 -4.58
C MET A 147 7.04 10.67 -4.16
N SER A 148 6.53 10.45 -2.95
CA SER A 148 5.56 11.38 -2.36
C SER A 148 6.24 12.69 -1.90
N GLU A 149 7.57 12.68 -1.83
CA GLU A 149 8.38 13.81 -1.36
C GLU A 149 9.44 14.30 -2.35
N LEU A 150 10.06 13.38 -3.09
CA LEU A 150 11.20 13.66 -3.96
C LEU A 150 10.97 13.20 -5.37
N GLY A 151 11.51 13.96 -6.32
CA GLY A 151 11.36 13.66 -7.74
C GLY A 151 12.57 12.97 -8.32
N ARG A 152 12.41 12.44 -9.52
CA ARG A 152 13.52 11.84 -10.26
C ARG A 152 13.18 11.79 -11.74
N GLU A 153 14.19 11.92 -12.59
CA GLU A 153 13.97 11.75 -14.02
C GLU A 153 13.27 10.42 -14.29
N THR A 154 12.36 10.45 -15.25
CA THR A 154 11.56 9.30 -15.74
C THR A 154 10.33 8.90 -14.91
N VAL A 155 10.16 9.44 -13.71
CA VAL A 155 9.00 9.03 -12.89
C VAL A 155 8.03 10.18 -12.57
N SER A 156 7.85 11.09 -13.54
CA SER A 156 6.94 12.22 -13.35
C SER A 156 5.51 11.81 -13.00
N ALA A 157 4.95 10.85 -13.74
CA ALA A 157 3.56 10.44 -13.50
C ALA A 157 3.42 9.78 -12.13
N TYR A 158 4.38 8.92 -11.81
CA TYR A 158 4.41 8.20 -10.53
C TYR A 158 4.57 9.15 -9.34
N ALA A 159 5.48 10.11 -9.46
CA ALA A 159 5.66 11.12 -8.41
C ALA A 159 4.42 11.99 -8.24
N ALA A 160 3.83 12.43 -9.35
CA ALA A 160 2.59 13.19 -9.30
C ALA A 160 1.48 12.39 -8.60
N ALA A 161 1.36 11.11 -8.96
CA ALA A 161 0.37 10.24 -8.32
C ALA A 161 0.62 10.08 -6.81
N LYS A 162 1.87 9.85 -6.43
CA LYS A 162 2.22 9.58 -5.04
C LYS A 162 2.18 10.86 -4.20
N GLY A 163 2.52 12.00 -4.80
CA GLY A 163 2.32 13.29 -4.15
C GLY A 163 0.83 13.54 -3.90
N GLY A 164 0.01 13.22 -4.89
CA GLY A 164 -1.42 13.29 -4.75
C GLY A 164 -1.98 12.36 -3.69
N LEU A 165 -1.44 11.15 -3.64
CA LEU A 165 -1.91 10.16 -2.70
C LEU A 165 -1.62 10.60 -1.27
N LYS A 166 -0.47 11.23 -1.06
CA LYS A 166 -0.17 11.82 0.23
C LYS A 166 -1.24 12.85 0.64
N MET A 167 -1.64 13.73 -0.26
CA MET A 167 -2.66 14.71 0.09
C MET A 167 -4.05 14.08 0.20
N LEU A 168 -4.35 13.07 -0.60
CA LEU A 168 -5.63 12.35 -0.43
C LEU A 168 -5.70 11.75 0.98
N THR A 169 -4.59 11.20 1.44
CA THR A 169 -4.47 10.67 2.81
C THR A 169 -4.81 11.74 3.84
N LYS A 170 -4.15 12.90 3.73
CA LYS A 170 -4.39 13.97 4.68
C LYS A 170 -5.82 14.47 4.58
N ASN A 171 -6.38 14.46 3.38
CA ASN A 171 -7.74 14.91 3.23
C ASN A 171 -8.76 13.95 3.83
N ILE A 172 -8.58 12.66 3.59
CA ILE A 172 -9.49 11.66 4.17
C ILE A 172 -9.43 11.73 5.70
N ALA A 173 -8.21 11.88 6.23
CA ALA A 173 -8.03 12.07 7.67
C ALA A 173 -8.81 13.28 8.18
N SER A 174 -8.71 14.38 7.43
CA SER A 174 -9.39 15.63 7.76
C SER A 174 -10.91 15.49 7.74
N GLU A 175 -11.41 14.88 6.67
CA GLU A 175 -12.84 14.84 6.40
C GLU A 175 -13.59 13.81 7.24
N PHE A 176 -12.93 12.69 7.55
CA PHE A 176 -13.58 11.56 8.22
C PHE A 176 -13.03 11.23 9.63
N GLY A 177 -12.01 11.96 10.06
CA GLY A 177 -11.45 11.80 11.40
C GLY A 177 -12.50 11.81 12.50
N GLU A 178 -13.48 12.71 12.38
CA GLU A 178 -14.49 12.86 13.42
C GLU A 178 -15.38 11.62 13.57
N ALA A 179 -15.41 10.80 12.53
CA ALA A 179 -16.16 9.54 12.57
C ALA A 179 -15.28 8.35 12.98
N ASN A 180 -14.16 8.64 13.62
CA ASN A 180 -13.19 7.63 14.06
C ASN A 180 -12.62 6.79 12.91
N ILE A 181 -12.29 7.49 11.82
CA ILE A 181 -11.50 6.91 10.75
C ILE A 181 -10.10 7.48 10.89
N GLN A 182 -9.09 6.60 10.88
CA GLN A 182 -7.69 7.04 10.77
C GLN A 182 -7.16 6.67 9.40
N CYS A 183 -6.75 7.68 8.64
CA CYS A 183 -6.19 7.50 7.31
C CYS A 183 -4.75 7.99 7.35
N ASN A 184 -3.84 7.07 7.04
CA ASN A 184 -2.41 7.34 7.10
C ASN A 184 -1.71 6.72 5.92
N GLY A 185 -0.45 7.08 5.74
CA GLY A 185 0.35 6.54 4.65
C GLY A 185 1.49 5.71 5.17
N ILE A 186 1.91 4.73 4.38
CA ILE A 186 3.21 4.10 4.55
C ILE A 186 4.05 4.40 3.32
N GLY A 187 5.25 4.93 3.56
CA GLY A 187 6.15 5.32 2.49
C GLY A 187 7.41 4.47 2.53
N PRO A 188 7.42 3.35 1.78
CA PRO A 188 8.63 2.54 1.76
C PRO A 188 9.80 3.25 1.09
N GLY A 189 11.01 2.96 1.56
CA GLY A 189 12.23 3.35 0.86
C GLY A 189 12.53 2.37 -0.25
N TYR A 190 13.80 2.03 -0.42
CA TYR A 190 14.21 1.04 -1.40
C TYR A 190 14.11 -0.34 -0.79
N ILE A 191 13.08 -1.09 -1.20
CA ILE A 191 12.86 -2.44 -0.71
C ILE A 191 13.43 -3.43 -1.73
N ALA A 192 14.30 -4.32 -1.26
CA ALA A 192 14.91 -5.31 -2.12
C ALA A 192 13.89 -6.39 -2.47
N THR A 193 13.65 -6.59 -3.75
CA THR A 193 12.73 -7.63 -4.23
C THR A 193 13.41 -8.37 -5.38
N PRO A 194 12.93 -9.59 -5.72
CA PRO A 194 13.61 -10.38 -6.75
C PRO A 194 13.78 -9.63 -8.07
N GLN A 195 12.82 -8.75 -8.39
CA GLN A 195 12.86 -7.97 -9.63
C GLN A 195 14.05 -7.01 -9.73
N THR A 196 14.68 -6.68 -8.59
CA THR A 196 15.88 -5.82 -8.56
C THR A 196 17.14 -6.57 -8.11
N ALA A 197 17.12 -7.90 -8.19
CA ALA A 197 18.28 -8.73 -7.79
C ALA A 197 19.56 -8.43 -8.58
N PRO A 198 19.44 -8.14 -9.89
CA PRO A 198 20.64 -7.80 -10.68
C PRO A 198 21.34 -6.52 -10.22
N LEU A 199 20.58 -5.61 -9.61
CA LEU A 199 21.13 -4.35 -9.10
C LEU A 199 21.92 -4.53 -7.80
N ARG A 200 21.91 -5.74 -7.23
CA ARG A 200 22.70 -6.04 -6.04
C ARG A 200 23.78 -7.10 -6.26
N GLU A 201 24.00 -7.53 -7.51
CA GLU A 201 25.05 -8.52 -7.81
C GLU A 201 26.45 -7.99 -7.52
N ARG A 202 27.29 -8.80 -6.89
CA ARG A 202 28.62 -8.39 -6.43
C ARG A 202 29.53 -7.97 -7.59
N ARG A 208 28.89 -4.40 -4.32
CA ARG A 208 29.78 -3.62 -5.16
C ARG A 208 29.08 -3.04 -6.40
N HIS A 209 27.89 -3.53 -6.74
CA HIS A 209 27.17 -3.03 -7.91
C HIS A 209 26.94 -1.51 -7.77
N PRO A 210 27.22 -0.73 -8.83
CA PRO A 210 27.06 0.73 -8.78
C PRO A 210 25.74 1.19 -8.15
N PHE A 211 24.63 0.62 -8.60
CA PHE A 211 23.31 0.96 -8.05
C PHE A 211 23.18 0.61 -6.58
N ASP A 212 23.64 -0.59 -6.22
CA ASP A 212 23.68 -1.02 -4.82
C ASP A 212 24.47 -0.02 -3.99
N GLN A 213 25.58 0.49 -4.53
CA GLN A 213 26.38 1.51 -3.82
C GLN A 213 25.60 2.82 -3.66
N PHE A 214 24.91 3.23 -4.71
CA PHE A 214 24.09 4.44 -4.68
C PHE A 214 23.04 4.35 -3.56
N ILE A 215 22.41 3.19 -3.43
CA ILE A 215 21.39 3.00 -2.40
C ILE A 215 21.99 3.00 -1.00
N ILE A 216 23.12 2.30 -0.83
CA ILE A 216 23.77 2.25 0.47
C ILE A 216 24.21 3.66 0.90
N ALA A 217 24.77 4.44 -0.03
CA ALA A 217 25.25 5.79 0.25
C ALA A 217 24.12 6.77 0.61
N LYS A 218 22.94 6.56 0.04
CA LYS A 218 21.77 7.38 0.35
C LYS A 218 21.13 7.03 1.71
N THR A 219 21.43 5.83 2.22
CA THR A 219 20.69 5.27 3.35
C THR A 219 21.53 5.22 4.63
N PRO A 220 21.13 5.97 5.67
CA PRO A 220 21.87 5.85 6.92
C PRO A 220 22.00 4.41 7.43
N ALA A 221 20.92 3.63 7.32
CA ALA A 221 20.93 2.22 7.76
C ALA A 221 21.91 1.35 6.97
N ALA A 222 22.38 1.85 5.83
CA ALA A 222 23.44 1.21 5.04
C ALA A 222 23.03 -0.15 4.48
N ARG A 223 21.75 -0.26 4.12
CA ARG A 223 21.20 -1.47 3.56
C ARG A 223 19.91 -1.18 2.82
N TRP A 224 19.51 -2.10 1.96
CA TRP A 224 18.18 -2.05 1.36
C TRP A 224 17.19 -2.42 2.45
N GLY A 225 15.95 -1.98 2.28
CA GLY A 225 14.87 -2.42 3.13
C GLY A 225 14.40 -3.79 2.69
N THR A 226 13.61 -4.41 3.56
CA THR A 226 12.99 -5.71 3.31
C THR A 226 11.48 -5.56 3.43
N THR A 227 10.72 -6.57 3.01
CA THR A 227 9.27 -6.55 3.25
C THR A 227 8.94 -6.71 4.73
N GLU A 228 9.77 -7.45 5.48
CA GLU A 228 9.58 -7.59 6.92
CA GLU A 228 9.54 -7.59 6.91
C GLU A 228 9.69 -6.24 7.62
N ASP A 229 10.53 -5.35 7.08
CA ASP A 229 10.65 -3.98 7.60
C ASP A 229 9.33 -3.24 7.57
N LEU A 230 8.44 -3.61 6.64
CA LEU A 230 7.14 -2.95 6.50
C LEU A 230 6.04 -3.58 7.37
N ALA A 231 6.28 -4.78 7.89
CA ALA A 231 5.25 -5.50 8.66
C ALA A 231 4.83 -4.76 9.92
N GLY A 232 5.80 -4.32 10.72
CA GLY A 232 5.52 -3.61 11.96
C GLY A 232 4.80 -2.30 11.71
N PRO A 233 5.36 -1.45 10.84
CA PRO A 233 4.69 -0.20 10.47
C PRO A 233 3.27 -0.43 9.95
N ALA A 234 3.07 -1.43 9.10
CA ALA A 234 1.73 -1.69 8.57
C ALA A 234 0.73 -2.17 9.63
N VAL A 235 1.16 -3.11 10.48
CA VAL A 235 0.29 -3.59 11.56
C VAL A 235 0.00 -2.46 12.55
N PHE A 236 1.04 -1.68 12.88
CA PHE A 236 0.88 -0.53 13.76
C PHE A 236 -0.26 0.38 13.28
N LEU A 237 -0.23 0.76 12.01
CA LEU A 237 -1.21 1.72 11.48
C LEU A 237 -2.60 1.09 11.33
N ALA A 238 -2.66 -0.22 11.19
CA ALA A 238 -3.93 -0.95 11.13
C ALA A 238 -4.56 -1.20 12.50
N SER A 239 -3.74 -1.10 13.54
CA SER A 239 -4.14 -1.47 14.89
C SER A 239 -4.70 -0.32 15.73
N ASP A 240 -5.32 -0.69 16.85
CA ASP A 240 -5.86 0.26 17.80
C ASP A 240 -4.75 1.05 18.52
N ALA A 241 -3.50 0.58 18.38
CA ALA A 241 -2.33 1.26 18.97
C ALA A 241 -2.03 2.59 18.31
N SER A 242 -2.62 2.86 17.14
CA SER A 242 -2.35 4.10 16.42
C SER A 242 -3.62 4.94 16.25
N ASN A 243 -4.56 4.82 17.18
CA ASN A 243 -5.86 5.49 16.99
C ASN A 243 -5.82 7.02 16.98
N PHE A 244 -4.74 7.64 17.48
CA PHE A 244 -4.61 9.10 17.43
C PHE A 244 -3.54 9.54 16.44
N VAL A 245 -3.06 8.60 15.62
CA VAL A 245 -2.21 8.93 14.46
C VAL A 245 -3.17 9.04 13.27
N ASN A 246 -3.19 10.22 12.65
CA ASN A 246 -4.14 10.48 11.58
C ASN A 246 -3.56 11.52 10.64
N GLY A 247 -3.67 11.25 9.34
CA GLY A 247 -3.20 12.18 8.31
C GLY A 247 -1.69 12.20 8.21
N HIS A 248 -1.07 11.09 8.62
CA HIS A 248 0.37 11.03 8.78
C HIS A 248 0.99 10.06 7.78
N ILE A 249 2.06 10.47 7.11
CA ILE A 249 2.80 9.56 6.26
C ILE A 249 3.99 9.01 7.05
N LEU A 250 3.94 7.72 7.34
CA LEU A 250 5.00 7.02 8.08
C LEU A 250 5.99 6.47 7.06
N TYR A 251 7.16 7.11 6.97
CA TYR A 251 8.21 6.69 6.05
C TYR A 251 9.05 5.60 6.72
N VAL A 252 9.31 4.55 5.94
CA VAL A 252 10.04 3.38 6.41
C VAL A 252 11.18 3.20 5.42
N ASP A 253 12.25 3.97 5.63
CA ASP A 253 13.29 4.12 4.61
C ASP A 253 14.73 4.06 5.10
N GLY A 254 14.95 3.64 6.34
CA GLY A 254 16.31 3.56 6.90
C GLY A 254 16.97 4.91 7.08
N GLY A 255 16.19 5.99 6.93
CA GLY A 255 16.68 7.35 7.09
C GLY A 255 16.93 8.16 5.83
N ILE A 256 16.60 7.62 4.66
CA ILE A 256 16.90 8.33 3.41
C ILE A 256 16.40 9.77 3.43
N LEU A 257 15.11 9.94 3.76
CA LEU A 257 14.51 11.27 3.72
C LEU A 257 15.07 12.23 4.75
N ALA A 258 15.82 11.71 5.74
CA ALA A 258 16.43 12.51 6.79
C ALA A 258 17.89 12.92 6.51
N TYR A 259 18.48 12.40 5.43
CA TYR A 259 19.93 12.42 5.25
C TYR A 259 20.36 13.11 3.96
N ILE A 260 21.37 13.97 4.05
CA ILE A 260 21.86 14.61 2.84
C ILE A 260 22.68 13.64 1.97
N GLY A 261 23.22 12.58 2.58
CA GLY A 261 23.91 11.53 1.82
C GLY A 261 25.36 11.38 2.23
N LYS A 262 25.93 10.22 1.93
CA LYS A 262 27.33 9.92 2.24
C LYS A 262 28.22 10.55 1.18
N GLN A 263 29.01 11.54 1.57
CA GLN A 263 29.87 12.25 0.64
C GLN A 263 31.31 11.72 0.72
N PRO A 264 32.12 11.94 -0.33
CA PRO A 264 33.49 11.42 -0.33
C PRO A 264 34.46 12.27 0.50
#